data_6W9M
#
_entry.id   6W9M
#
_cell.length_a   87.065
_cell.length_b   52.854
_cell.length_c   69.646
_cell.angle_alpha   90.000
_cell.angle_beta   116.394
_cell.angle_gamma   90.000
#
_symmetry.space_group_name_H-M   'C 1 2 1'
#
loop_
_entity.id
_entity.type
_entity.pdbx_description
1 polymer 'Glucocorticoid Receptor'
2 polymer 'Nuclear receptor subfamily 0 group B member 2'
3 non-polymer vamorolone
4 non-polymer GLYCEROL
5 water water
#
loop_
_entity_poly.entity_id
_entity_poly.type
_entity_poly.pdbx_seq_one_letter_code
_entity_poly.pdbx_strand_id
1 'polypeptide(L)'
;GEFPTLISLLEVIEPEVLYSGYDSTLPDTSTRLMSTLNRLGGRQVVSAVKWAKALPGFRNLHLDDQMTLLQYSWMSLMAF
SLGWRSYKQSNGNMLCFAPDLVINEERMQLPYMYDQCQQMLKISSEFVRLQVSYDEYLCMKVLLLLSTVPKDGLKSQAVF
DEIRMTYIKELGKAIVKREGNSSQNWQRFYQLTKLLDSMHEMVGGLLQFCFYTFVNKSLSVEFPEMLAEIISNQLPKFKA
GSVKPLLFHQK
;
A
2 'polypeptide(L)' RPAILYALLSS B
#
# COMPACT_ATOMS: atom_id res chain seq x y z
N GLY A 1 -12.23 -6.54 23.08
CA GLY A 1 -13.44 -7.33 23.23
C GLY A 1 -14.26 -7.42 21.96
N GLU A 2 -15.58 -7.56 22.12
CA GLU A 2 -16.49 -7.74 21.00
C GLU A 2 -17.48 -6.58 20.87
N PHE A 3 -17.23 -5.45 21.54
CA PHE A 3 -18.12 -4.31 21.47
C PHE A 3 -17.31 -3.04 21.70
N PRO A 4 -16.67 -2.51 20.64
CA PRO A 4 -16.70 -3.02 19.27
C PRO A 4 -15.66 -4.12 18.97
N THR A 5 -15.92 -4.95 17.95
CA THR A 5 -14.89 -5.85 17.48
C THR A 5 -13.77 -5.07 16.78
N LEU A 6 -12.56 -5.63 16.82
CA LEU A 6 -11.45 -4.99 16.11
C LEU A 6 -11.75 -4.89 14.61
N ILE A 7 -12.36 -5.92 14.02
CA ILE A 7 -12.59 -5.86 12.57
C ILE A 7 -13.61 -4.77 12.25
N SER A 8 -14.61 -4.55 13.11
CA SER A 8 -15.54 -3.45 12.83
C SER A 8 -14.82 -2.09 12.90
N LEU A 9 -13.86 -1.94 13.82
CA LEU A 9 -13.04 -0.74 13.84
C LEU A 9 -12.27 -0.57 12.53
N LEU A 10 -11.67 -1.64 12.02
CA LEU A 10 -10.94 -1.54 10.77
C LEU A 10 -11.86 -1.13 9.62
N GLU A 11 -13.11 -1.62 9.64
CA GLU A 11 -14.02 -1.23 8.57
C GLU A 11 -14.35 0.25 8.63
N VAL A 12 -14.57 0.78 9.84
CA VAL A 12 -15.04 2.17 9.91
C VAL A 12 -13.94 3.19 9.71
N ILE A 13 -12.66 2.84 9.97
CA ILE A 13 -11.57 3.79 9.76
C ILE A 13 -11.02 3.74 8.34
N GLU A 14 -11.55 2.87 7.48
CA GLU A 14 -11.05 2.83 6.10
C GLU A 14 -11.47 4.10 5.37
N PRO A 15 -10.52 4.82 4.76
CA PRO A 15 -10.83 6.09 4.09
C PRO A 15 -11.71 5.91 2.86
N GLU A 16 -12.46 6.96 2.56
CA GLU A 16 -13.24 6.99 1.34
C GLU A 16 -12.32 7.12 0.13
N VAL A 17 -12.82 6.66 -1.02
CA VAL A 17 -12.04 6.71 -2.26
C VAL A 17 -12.00 8.14 -2.79
N LEU A 18 -10.80 8.59 -3.13
CA LEU A 18 -10.58 9.94 -3.67
C LEU A 18 -10.72 9.96 -5.19
N TYR A 19 -11.11 11.12 -5.73
CA TYR A 19 -11.19 11.35 -7.16
C TYR A 19 -9.96 12.13 -7.63
N SER A 20 -9.61 11.95 -8.89
CA SER A 20 -8.39 12.55 -9.44
C SER A 20 -8.62 13.91 -10.09
N GLY A 21 -9.82 14.21 -10.58
CA GLY A 21 -10.02 15.39 -11.41
C GLY A 21 -9.36 15.34 -12.77
N TYR A 22 -8.93 14.17 -13.24
CA TYR A 22 -8.19 14.10 -14.50
C TYR A 22 -9.04 14.60 -15.66
N ASP A 23 -8.42 15.41 -16.51
CA ASP A 23 -9.08 15.99 -17.69
C ASP A 23 -8.76 15.12 -18.91
N SER A 24 -9.75 14.36 -19.36
N SER A 24 -9.75 14.36 -19.37
CA SER A 24 -9.61 13.48 -20.50
CA SER A 24 -9.57 13.48 -20.51
C SER A 24 -10.11 14.12 -21.80
C SER A 24 -10.11 14.11 -21.80
N THR A 25 -10.27 15.44 -21.82
CA THR A 25 -10.76 16.11 -23.03
C THR A 25 -9.84 15.84 -24.21
N LEU A 26 -8.54 15.97 -24.00
CA LEU A 26 -7.53 15.77 -25.03
C LEU A 26 -6.74 14.51 -24.74
N PRO A 27 -5.94 14.04 -25.71
CA PRO A 27 -5.25 12.75 -25.52
C PRO A 27 -4.32 12.74 -24.31
N ASP A 28 -4.12 11.54 -23.78
CA ASP A 28 -3.19 11.35 -22.67
C ASP A 28 -1.76 11.67 -23.10
N THR A 29 -0.94 12.07 -22.14
CA THR A 29 0.51 12.03 -22.28
C THR A 29 1.07 11.33 -21.04
N SER A 30 2.19 10.63 -21.20
N SER A 30 2.19 10.63 -21.19
CA SER A 30 2.79 9.93 -20.07
CA SER A 30 2.75 9.93 -20.04
C SER A 30 3.13 10.92 -18.95
C SER A 30 3.14 10.91 -18.94
N THR A 31 3.61 12.10 -19.32
CA THR A 31 4.00 13.11 -18.32
C THR A 31 2.79 13.59 -17.52
N ARG A 32 1.71 13.97 -18.19
CA ARG A 32 0.57 14.52 -17.46
C ARG A 32 -0.20 13.42 -16.73
N LEU A 33 -0.18 12.20 -17.25
CA LEU A 33 -0.78 11.08 -16.52
C LEU A 33 0.01 10.75 -15.26
N MET A 34 1.34 10.61 -15.38
CA MET A 34 2.14 10.28 -14.19
C MET A 34 2.07 11.40 -13.16
N SER A 35 2.08 12.67 -13.61
CA SER A 35 2.00 13.77 -12.65
C SER A 35 0.65 13.77 -11.94
N THR A 36 -0.42 13.48 -12.67
CA THR A 36 -1.74 13.34 -12.04
C THR A 36 -1.75 12.20 -11.03
N LEU A 37 -1.12 11.08 -11.38
CA LEU A 37 -1.14 9.93 -10.49
C LEU A 37 -0.31 10.22 -9.23
N ASN A 38 0.79 10.95 -9.39
CA ASN A 38 1.59 11.31 -8.21
C ASN A 38 0.82 12.25 -7.29
N ARG A 39 0.07 13.18 -7.87
N ARG A 39 0.07 13.18 -7.87
CA ARG A 39 -0.69 14.11 -7.05
CA ARG A 39 -0.69 14.11 -7.05
C ARG A 39 -1.80 13.38 -6.29
C ARG A 39 -1.80 13.39 -6.29
N LEU A 40 -2.53 12.51 -6.98
CA LEU A 40 -3.50 11.65 -6.32
C LEU A 40 -2.82 10.83 -5.23
N GLY A 41 -1.63 10.31 -5.52
CA GLY A 41 -0.93 9.47 -4.56
C GLY A 41 -0.56 10.22 -3.29
N GLY A 42 -0.11 11.47 -3.44
CA GLY A 42 0.17 12.26 -2.24
C GLY A 42 -1.05 12.42 -1.36
N ARG A 43 -2.21 12.64 -1.99
CA ARG A 43 -3.46 12.79 -1.23
C ARG A 43 -3.86 11.48 -0.58
N GLN A 44 -3.66 10.36 -1.29
CA GLN A 44 -3.93 9.05 -0.72
C GLN A 44 -3.01 8.76 0.47
N VAL A 45 -1.74 9.15 0.37
CA VAL A 45 -0.83 8.92 1.49
C VAL A 45 -1.26 9.76 2.71
N VAL A 46 -1.71 11.00 2.50
CA VAL A 46 -2.22 11.76 3.65
C VAL A 46 -3.38 11.00 4.30
N SER A 47 -4.28 10.45 3.49
N SER A 47 -4.28 10.45 3.49
CA SER A 47 -5.38 9.66 4.05
CA SER A 47 -5.38 9.66 4.03
C SER A 47 -4.85 8.45 4.81
C SER A 47 -4.86 8.44 4.79
N ALA A 48 -3.77 7.84 4.31
CA ALA A 48 -3.19 6.67 4.97
C ALA A 48 -2.60 7.05 6.32
N VAL A 49 -2.04 8.25 6.45
CA VAL A 49 -1.55 8.67 7.76
C VAL A 49 -2.70 8.79 8.75
N LYS A 50 -3.81 9.40 8.33
CA LYS A 50 -4.97 9.51 9.22
C LYS A 50 -5.48 8.13 9.61
N TRP A 51 -5.50 7.20 8.65
CA TRP A 51 -5.89 5.82 8.91
C TRP A 51 -4.97 5.17 9.93
N ALA A 52 -3.65 5.29 9.75
CA ALA A 52 -2.71 4.64 10.65
C ALA A 52 -2.85 5.19 12.07
N LYS A 53 -3.08 6.49 12.21
CA LYS A 53 -3.25 7.06 13.55
C LYS A 53 -4.47 6.49 14.24
N ALA A 54 -5.48 6.07 13.47
CA ALA A 54 -6.71 5.52 13.99
C ALA A 54 -6.62 4.01 14.24
N LEU A 55 -5.55 3.36 13.80
CA LEU A 55 -5.40 1.91 13.96
C LEU A 55 -5.11 1.60 15.42
N PRO A 56 -5.90 0.75 16.07
CA PRO A 56 -5.61 0.41 17.47
C PRO A 56 -4.19 -0.10 17.62
N GLY A 57 -3.44 0.54 18.53
CA GLY A 57 -2.09 0.16 18.86
C GLY A 57 -1.02 1.01 18.19
N PHE A 58 -1.31 1.57 17.01
CA PHE A 58 -0.26 2.24 16.25
C PHE A 58 0.35 3.39 17.03
N ARG A 59 -0.47 4.14 17.74
CA ARG A 59 0.06 5.28 18.47
C ARG A 59 0.75 4.89 19.78
N ASN A 60 0.82 3.61 20.12
CA ASN A 60 1.68 3.17 21.21
C ASN A 60 3.15 3.10 20.79
N LEU A 61 3.40 3.14 19.49
CA LEU A 61 4.76 3.14 18.97
C LEU A 61 5.40 4.52 19.18
N HIS A 62 6.71 4.50 19.42
CA HIS A 62 7.49 5.74 19.36
C HIS A 62 7.18 6.49 18.06
N LEU A 63 7.10 7.82 18.17
CA LEU A 63 6.76 8.64 17.01
C LEU A 63 7.71 8.40 15.85
N ASP A 64 9.00 8.20 16.13
CA ASP A 64 9.95 7.92 15.05
C ASP A 64 9.68 6.59 14.38
N ASP A 65 9.18 5.59 15.13
CA ASP A 65 8.79 4.33 14.53
C ASP A 65 7.55 4.50 13.65
N GLN A 66 6.58 5.31 14.09
CA GLN A 66 5.41 5.56 13.25
C GLN A 66 5.82 6.19 11.94
N MET A 67 6.73 7.16 11.99
CA MET A 67 7.23 7.79 10.77
C MET A 67 7.94 6.78 9.88
N THR A 68 8.77 5.92 10.47
CA THR A 68 9.53 4.96 9.68
C THR A 68 8.60 3.99 8.97
N LEU A 69 7.64 3.43 9.68
CA LEU A 69 6.78 2.42 9.07
C LEU A 69 5.99 3.01 7.91
N LEU A 70 5.48 4.24 8.05
CA LEU A 70 4.72 4.81 6.94
C LEU A 70 5.62 5.16 5.77
N GLN A 71 6.82 5.66 6.05
CA GLN A 71 7.74 5.97 4.97
C GLN A 71 8.20 4.72 4.25
N TYR A 72 8.37 3.60 4.96
CA TYR A 72 8.87 2.40 4.31
C TYR A 72 7.80 1.63 3.54
N SER A 73 6.53 1.75 3.96
CA SER A 73 5.46 0.89 3.44
C SER A 73 4.48 1.59 2.50
N TRP A 74 4.59 2.90 2.28
CA TRP A 74 3.51 3.64 1.61
C TRP A 74 3.18 3.06 0.25
N MET A 75 4.21 2.64 -0.51
CA MET A 75 3.93 2.12 -1.85
C MET A 75 3.18 0.80 -1.78
N SER A 76 3.50 -0.03 -0.79
CA SER A 76 2.76 -1.30 -0.63
C SER A 76 1.31 -1.04 -0.30
N LEU A 77 1.06 -0.12 0.63
CA LEU A 77 -0.32 0.24 0.97
C LEU A 77 -1.07 0.75 -0.26
N MET A 78 -0.45 1.66 -1.02
CA MET A 78 -1.16 2.27 -2.15
C MET A 78 -1.41 1.25 -3.26
N ALA A 79 -0.42 0.39 -3.53
CA ALA A 79 -0.59 -0.63 -4.58
C ALA A 79 -1.64 -1.67 -4.18
N PHE A 80 -1.65 -2.08 -2.91
CA PHE A 80 -2.62 -3.07 -2.44
C PHE A 80 -4.04 -2.52 -2.53
N SER A 81 -4.21 -1.26 -2.10
N SER A 81 -4.23 -1.26 -2.12
CA SER A 81 -5.51 -0.59 -2.17
CA SER A 81 -5.55 -0.65 -2.20
C SER A 81 -5.98 -0.48 -3.63
C SER A 81 -5.99 -0.48 -3.65
N LEU A 82 -5.07 -0.06 -4.52
CA LEU A 82 -5.35 -0.05 -5.96
C LEU A 82 -5.80 -1.43 -6.44
N GLY A 83 -5.12 -2.49 -5.96
CA GLY A 83 -5.52 -3.83 -6.34
C GLY A 83 -6.93 -4.16 -5.93
N TRP A 84 -7.31 -3.74 -4.71
CA TRP A 84 -8.67 -4.01 -4.25
C TRP A 84 -9.70 -3.26 -5.09
N ARG A 85 -9.45 -1.98 -5.36
CA ARG A 85 -10.40 -1.19 -6.14
C ARG A 85 -10.56 -1.76 -7.53
N SER A 86 -9.47 -2.26 -8.10
CA SER A 86 -9.52 -2.80 -9.45
C SER A 86 -10.23 -4.14 -9.48
N TYR A 87 -10.11 -4.91 -8.41
CA TYR A 87 -10.82 -6.17 -8.26
C TYR A 87 -12.32 -5.94 -8.19
N LYS A 88 -12.74 -5.00 -7.32
CA LYS A 88 -14.17 -4.76 -7.15
C LYS A 88 -14.79 -4.10 -8.38
N GLN A 89 -14.07 -3.19 -9.03
CA GLN A 89 -14.69 -2.42 -10.10
C GLN A 89 -14.67 -3.15 -11.43
N SER A 90 -13.64 -3.94 -11.71
CA SER A 90 -13.48 -4.53 -13.02
C SER A 90 -12.99 -5.97 -12.97
N ASN A 91 -13.00 -6.62 -11.80
CA ASN A 91 -12.47 -7.97 -11.67
C ASN A 91 -11.02 -8.04 -12.13
N GLY A 92 -10.27 -6.98 -11.86
CA GLY A 92 -8.86 -6.92 -12.19
C GLY A 92 -8.54 -6.75 -13.66
N ASN A 93 -9.53 -6.41 -14.50
CA ASN A 93 -9.26 -6.23 -15.92
C ASN A 93 -8.69 -4.86 -16.24
N MET A 94 -8.97 -3.87 -15.40
CA MET A 94 -8.47 -2.51 -15.57
C MET A 94 -7.94 -2.02 -14.23
N LEU A 95 -7.12 -0.98 -14.26
CA LEU A 95 -6.55 -0.41 -13.04
C LEU A 95 -7.39 0.81 -12.67
N CYS A 96 -8.13 0.70 -11.55
N CYS A 96 -8.09 0.74 -11.53
CA CYS A 96 -9.03 1.77 -11.11
CA CYS A 96 -9.03 1.78 -11.17
C CYS A 96 -8.29 2.66 -10.11
C CYS A 96 -8.38 2.71 -10.13
N PHE A 97 -7.50 3.59 -10.64
CA PHE A 97 -6.78 4.51 -9.76
C PHE A 97 -7.75 5.42 -9.00
N ALA A 98 -8.77 5.91 -9.70
CA ALA A 98 -9.85 6.68 -9.12
C ALA A 98 -11.10 6.42 -9.96
N PRO A 99 -12.28 6.72 -9.44
CA PRO A 99 -13.47 6.50 -10.27
C PRO A 99 -13.46 7.33 -11.56
N ASP A 100 -12.72 8.44 -11.59
CA ASP A 100 -12.57 9.24 -12.80
C ASP A 100 -11.20 9.04 -13.46
N LEU A 101 -10.52 7.94 -13.17
CA LEU A 101 -9.20 7.69 -13.76
C LEU A 101 -8.97 6.18 -13.77
N VAL A 102 -9.42 5.54 -14.83
CA VAL A 102 -9.30 4.10 -15.01
C VAL A 102 -8.34 3.86 -16.18
N ILE A 103 -7.30 3.07 -15.93
CA ILE A 103 -6.29 2.77 -16.95
C ILE A 103 -6.67 1.43 -17.59
N ASN A 104 -7.01 1.45 -18.88
CA ASN A 104 -7.33 0.26 -19.63
C ASN A 104 -6.10 -0.16 -20.46
N GLU A 105 -6.29 -1.16 -21.32
CA GLU A 105 -5.16 -1.69 -22.08
C GLU A 105 -4.52 -0.63 -22.96
N GLU A 106 -5.29 0.33 -23.45
CA GLU A 106 -4.72 1.34 -24.35
C GLU A 106 -3.84 2.33 -23.58
N ARG A 107 -4.25 2.75 -22.39
CA ARG A 107 -3.43 3.69 -21.63
C ARG A 107 -2.15 3.05 -21.12
N MET A 108 -2.15 1.75 -20.87
CA MET A 108 -0.91 1.04 -20.59
C MET A 108 0.09 1.13 -21.74
N GLN A 109 -0.38 1.35 -22.96
CA GLN A 109 0.52 1.42 -24.10
C GLN A 109 1.35 2.70 -24.12
N LEU A 110 1.01 3.68 -23.28
CA LEU A 110 1.78 4.91 -23.24
C LEU A 110 3.23 4.60 -22.83
N PRO A 111 4.18 5.42 -23.26
CA PRO A 111 5.58 5.21 -22.85
C PRO A 111 5.74 5.14 -21.34
N TYR A 112 6.48 4.13 -20.89
CA TYR A 112 6.85 3.86 -19.51
C TYR A 112 5.68 3.39 -18.65
N MET A 113 4.47 3.29 -19.20
CA MET A 113 3.32 2.89 -18.40
C MET A 113 3.14 1.38 -18.33
N TYR A 114 3.63 0.65 -19.33
CA TYR A 114 3.23 -0.76 -19.47
C TYR A 114 3.77 -1.62 -18.34
N ASP A 115 5.08 -1.56 -18.11
CA ASP A 115 5.69 -2.48 -17.16
C ASP A 115 5.15 -2.24 -15.75
N GLN A 116 5.00 -0.97 -15.35
CA GLN A 116 4.47 -0.70 -14.02
C GLN A 116 3.01 -1.13 -13.88
N CYS A 117 2.21 -0.93 -14.93
CA CYS A 117 0.82 -1.37 -14.86
C CYS A 117 0.71 -2.89 -14.80
N GLN A 118 1.58 -3.59 -15.53
CA GLN A 118 1.60 -5.05 -15.46
C GLN A 118 1.83 -5.54 -14.04
N GLN A 119 2.74 -4.90 -13.31
CA GLN A 119 2.98 -5.30 -11.93
C GLN A 119 1.76 -5.01 -11.05
N MET A 120 1.10 -3.88 -11.29
CA MET A 120 -0.08 -3.54 -10.52
C MET A 120 -1.24 -4.48 -10.84
N LEU A 121 -1.36 -4.91 -12.09
CA LEU A 121 -2.42 -5.85 -12.45
C LEU A 121 -2.20 -7.21 -11.80
N LYS A 122 -0.94 -7.59 -11.61
CA LYS A 122 -0.63 -8.86 -10.96
C LYS A 122 -1.18 -8.89 -9.54
N ILE A 123 -1.09 -7.76 -8.83
CA ILE A 123 -1.66 -7.66 -7.49
C ILE A 123 -3.17 -7.88 -7.55
N SER A 124 -3.84 -7.17 -8.46
N SER A 124 -3.85 -7.16 -8.44
CA SER A 124 -5.28 -7.30 -8.58
CA SER A 124 -5.30 -7.29 -8.53
C SER A 124 -5.68 -8.73 -8.97
C SER A 124 -5.70 -8.70 -8.96
N SER A 125 -4.88 -9.38 -9.81
N SER A 125 -4.89 -9.35 -9.80
CA SER A 125 -5.21 -10.73 -10.25
CA SER A 125 -5.21 -10.71 -10.23
C SER A 125 -5.13 -11.73 -9.09
C SER A 125 -5.16 -11.69 -9.07
N GLU A 126 -4.33 -11.42 -8.07
CA GLU A 126 -4.25 -12.30 -6.91
C GLU A 126 -5.51 -12.23 -6.06
N PHE A 127 -6.09 -11.04 -5.91
CA PHE A 127 -7.38 -10.94 -5.23
C PHE A 127 -8.42 -11.79 -5.94
N VAL A 128 -8.43 -11.76 -7.27
CA VAL A 128 -9.36 -12.57 -8.06
C VAL A 128 -9.09 -14.06 -7.84
N ARG A 129 -7.84 -14.47 -8.00
CA ARG A 129 -7.51 -15.90 -7.87
C ARG A 129 -7.86 -16.44 -6.50
N LEU A 130 -7.57 -15.69 -5.43
CA LEU A 130 -7.80 -16.16 -4.08
C LEU A 130 -9.18 -15.82 -3.53
N GLN A 131 -9.99 -15.06 -4.26
CA GLN A 131 -11.32 -14.65 -3.81
C GLN A 131 -11.27 -14.01 -2.43
N VAL A 132 -10.40 -13.02 -2.31
CA VAL A 132 -10.15 -12.34 -1.04
C VAL A 132 -11.40 -11.62 -0.58
N SER A 133 -11.73 -11.77 0.71
CA SER A 133 -12.86 -11.05 1.29
C SER A 133 -12.41 -9.66 1.73
N TYR A 134 -13.40 -8.79 1.96
CA TYR A 134 -13.06 -7.44 2.40
C TYR A 134 -12.34 -7.48 3.73
N ASP A 135 -12.76 -8.37 4.64
CA ASP A 135 -12.13 -8.38 5.96
C ASP A 135 -10.74 -8.98 5.89
N GLU A 136 -10.53 -9.99 5.06
CA GLU A 136 -9.16 -10.46 4.80
C GLU A 136 -8.30 -9.35 4.23
N TYR A 137 -8.84 -8.59 3.27
CA TYR A 137 -8.08 -7.48 2.70
C TYR A 137 -7.69 -6.46 3.76
N LEU A 138 -8.65 -6.07 4.61
CA LEU A 138 -8.36 -5.04 5.61
C LEU A 138 -7.27 -5.50 6.56
N CYS A 139 -7.32 -6.76 6.97
CA CYS A 139 -6.30 -7.26 7.89
C CYS A 139 -4.95 -7.34 7.20
N MET A 140 -4.94 -7.81 5.95
CA MET A 140 -3.69 -7.90 5.21
C MET A 140 -3.07 -6.52 5.01
N LYS A 141 -3.91 -5.50 4.79
CA LYS A 141 -3.40 -4.15 4.57
C LYS A 141 -2.73 -3.60 5.83
N VAL A 142 -3.28 -3.88 7.01
CA VAL A 142 -2.58 -3.50 8.23
C VAL A 142 -1.21 -4.16 8.28
N LEU A 143 -1.15 -5.44 7.94
CA LEU A 143 0.12 -6.17 8.01
C LEU A 143 1.16 -5.58 7.06
N LEU A 144 0.74 -5.04 5.91
CA LEU A 144 1.70 -4.39 5.02
C LEU A 144 2.33 -3.16 5.68
N LEU A 145 1.54 -2.41 6.45
CA LEU A 145 2.09 -1.30 7.21
C LEU A 145 3.18 -1.77 8.17
N LEU A 146 3.12 -3.02 8.60
CA LEU A 146 4.01 -3.59 9.60
C LEU A 146 5.02 -4.57 9.01
N SER A 147 5.29 -4.48 7.70
CA SER A 147 6.06 -5.50 7.01
C SER A 147 7.43 -5.05 6.50
N THR A 148 7.80 -3.78 6.66
CA THR A 148 9.07 -3.27 6.14
C THR A 148 9.72 -2.44 7.24
N VAL A 149 10.91 -2.85 7.70
CA VAL A 149 11.50 -2.30 8.91
C VAL A 149 12.98 -2.06 8.72
N PRO A 150 13.59 -1.22 9.55
CA PRO A 150 15.05 -1.04 9.51
C PRO A 150 15.75 -2.31 9.96
N LYS A 151 16.90 -2.58 9.34
CA LYS A 151 17.70 -3.71 9.79
C LYS A 151 18.15 -3.53 11.24
N ASP A 152 18.35 -2.29 11.68
CA ASP A 152 18.77 -2.02 13.06
C ASP A 152 17.61 -2.05 14.04
N GLY A 153 16.41 -2.43 13.60
CA GLY A 153 15.28 -2.54 14.48
C GLY A 153 14.59 -1.21 14.71
N LEU A 154 13.49 -1.28 15.44
CA LEU A 154 12.70 -0.12 15.80
C LEU A 154 13.01 0.31 17.23
N LYS A 155 12.64 1.56 17.53
CA LYS A 155 12.82 2.05 18.90
C LYS A 155 11.89 1.31 19.87
N SER A 156 10.64 1.07 19.47
N SER A 156 10.64 1.08 19.49
CA SER A 156 9.67 0.37 20.31
CA SER A 156 9.71 0.37 20.34
C SER A 156 9.47 -1.06 19.82
C SER A 156 9.48 -1.04 19.81
N GLN A 157 10.55 -1.85 19.79
CA GLN A 157 10.47 -3.18 19.18
C GLN A 157 9.40 -4.06 19.85
N ALA A 158 9.32 -4.02 21.18
CA ALA A 158 8.37 -4.88 21.88
C ALA A 158 6.93 -4.52 21.55
N VAL A 159 6.63 -3.22 21.52
CA VAL A 159 5.30 -2.78 21.12
C VAL A 159 5.00 -3.24 19.70
N PHE A 160 5.95 -3.04 18.80
CA PHE A 160 5.75 -3.42 17.41
C PHE A 160 5.48 -4.92 17.29
N ASP A 161 6.25 -5.74 18.00
CA ASP A 161 6.05 -7.18 17.89
C ASP A 161 4.66 -7.58 18.34
N GLU A 162 4.12 -6.89 19.37
CA GLU A 162 2.79 -7.24 19.85
C GLU A 162 1.71 -6.77 18.89
N ILE A 163 1.86 -5.56 18.32
CA ILE A 163 0.91 -5.07 17.31
C ILE A 163 0.84 -6.05 16.15
N ARG A 164 2.00 -6.51 15.69
CA ARG A 164 2.02 -7.42 14.55
C ARG A 164 1.32 -8.74 14.90
N MET A 165 1.56 -9.26 16.11
CA MET A 165 0.90 -10.49 16.52
C MET A 165 -0.61 -10.31 16.57
N THR A 166 -1.08 -9.15 17.05
CA THR A 166 -2.51 -8.89 17.14
C THR A 166 -3.17 -8.94 15.77
N TYR A 167 -2.56 -8.31 14.77
CA TYR A 167 -3.19 -8.26 13.45
C TYR A 167 -2.97 -9.54 12.65
N ILE A 168 -1.93 -10.33 12.98
CA ILE A 168 -1.84 -11.66 12.41
C ILE A 168 -2.99 -12.52 12.92
N LYS A 169 -3.29 -12.44 14.23
CA LYS A 169 -4.44 -13.16 14.77
C LYS A 169 -5.75 -12.66 14.15
N GLU A 170 -5.82 -11.36 13.87
CA GLU A 170 -7.05 -10.83 13.28
C GLU A 170 -7.25 -11.34 11.85
N LEU A 171 -6.17 -11.44 11.07
CA LEU A 171 -6.30 -12.09 9.76
C LEU A 171 -6.79 -13.52 9.91
N GLY A 172 -6.28 -14.24 10.90
CA GLY A 172 -6.78 -15.58 11.17
C GLY A 172 -8.27 -15.60 11.45
N LYS A 173 -8.77 -14.65 12.28
CA LYS A 173 -10.20 -14.57 12.55
C LYS A 173 -11.00 -14.33 11.27
N ALA A 174 -10.48 -13.47 10.38
CA ALA A 174 -11.19 -13.22 9.13
C ALA A 174 -11.24 -14.46 8.24
N ILE A 175 -10.21 -15.29 8.30
CA ILE A 175 -10.21 -16.55 7.55
C ILE A 175 -11.24 -17.50 8.15
N VAL A 176 -11.22 -17.67 9.48
CA VAL A 176 -12.09 -18.63 10.13
C VAL A 176 -13.56 -18.31 9.87
N LYS A 177 -13.88 -17.01 9.74
CA LYS A 177 -15.25 -16.58 9.43
C LYS A 177 -15.81 -17.24 8.18
N ARG A 178 -14.95 -17.57 7.20
CA ARG A 178 -15.42 -18.20 5.97
C ARG A 178 -15.93 -19.61 6.19
N GLU A 179 -15.80 -20.15 7.42
CA GLU A 179 -16.44 -21.40 7.84
C GLU A 179 -15.83 -22.65 7.21
N GLY A 180 -14.54 -22.62 6.88
CA GLY A 180 -13.85 -23.84 6.50
C GLY A 180 -13.40 -24.64 7.71
N ASN A 181 -12.92 -25.85 7.47
CA ASN A 181 -12.40 -26.64 8.57
C ASN A 181 -11.00 -26.18 8.94
N SER A 182 -10.46 -26.76 10.02
CA SER A 182 -9.17 -26.30 10.53
C SER A 182 -8.07 -26.46 9.49
N SER A 183 -8.12 -27.56 8.72
CA SER A 183 -7.12 -27.78 7.68
C SER A 183 -7.26 -26.75 6.55
N GLN A 184 -8.49 -26.46 6.14
CA GLN A 184 -8.71 -25.43 5.12
C GLN A 184 -8.27 -24.07 5.63
N ASN A 185 -8.50 -23.78 6.91
CA ASN A 185 -8.11 -22.49 7.47
C ASN A 185 -6.59 -22.31 7.43
N TRP A 186 -5.84 -23.37 7.75
CA TRP A 186 -4.38 -23.24 7.73
C TRP A 186 -3.87 -23.09 6.30
N GLN A 187 -4.48 -23.80 5.35
CA GLN A 187 -4.08 -23.64 3.96
C GLN A 187 -4.34 -22.22 3.48
N ARG A 188 -5.49 -21.64 3.83
CA ARG A 188 -5.80 -20.28 3.38
C ARG A 188 -4.85 -19.28 4.03
N PHE A 189 -4.51 -19.49 5.31
CA PHE A 189 -3.53 -18.63 5.95
C PHE A 189 -2.21 -18.68 5.20
N TYR A 190 -1.78 -19.89 4.83
CA TYR A 190 -0.58 -20.06 4.02
C TYR A 190 -0.68 -19.27 2.72
N GLN A 191 -1.81 -19.38 2.02
CA GLN A 191 -1.96 -18.67 0.74
C GLN A 191 -1.90 -17.15 0.93
N LEU A 192 -2.54 -16.63 1.98
CA LEU A 192 -2.61 -15.18 2.14
C LEU A 192 -1.29 -14.63 2.64
N THR A 193 -0.60 -15.36 3.52
CA THR A 193 0.71 -14.86 3.95
C THR A 193 1.75 -15.01 2.83
N LYS A 194 1.58 -15.98 1.93
CA LYS A 194 2.43 -16.02 0.73
C LYS A 194 2.17 -14.82 -0.16
N LEU A 195 0.91 -14.41 -0.29
CA LEU A 195 0.59 -13.20 -1.05
C LEU A 195 1.24 -11.98 -0.43
N LEU A 196 1.18 -11.88 0.90
CA LEU A 196 1.84 -10.78 1.60
C LEU A 196 3.34 -10.77 1.32
N ASP A 197 3.97 -11.95 1.39
CA ASP A 197 5.41 -12.01 1.10
C ASP A 197 5.72 -11.57 -0.32
N SER A 198 4.86 -11.95 -1.28
CA SER A 198 5.11 -11.62 -2.67
C SER A 198 5.00 -10.13 -2.94
N MET A 199 4.30 -9.38 -2.08
CA MET A 199 4.17 -7.94 -2.26
C MET A 199 5.53 -7.24 -2.25
N HIS A 200 6.49 -7.76 -1.50
CA HIS A 200 7.79 -7.10 -1.43
C HIS A 200 8.45 -7.07 -2.80
N GLU A 201 8.42 -8.20 -3.52
CA GLU A 201 9.00 -8.22 -4.86
C GLU A 201 8.14 -7.43 -5.84
N MET A 202 6.82 -7.57 -5.75
CA MET A 202 5.95 -6.88 -6.70
C MET A 202 6.02 -5.35 -6.53
N VAL A 203 6.20 -4.88 -5.29
CA VAL A 203 6.27 -3.45 -5.02
C VAL A 203 7.69 -2.90 -5.18
N GLY A 204 8.71 -3.75 -4.99
CA GLY A 204 10.08 -3.31 -5.18
C GLY A 204 10.34 -2.74 -6.56
N GLY A 205 9.75 -3.35 -7.60
CA GLY A 205 9.90 -2.81 -8.94
C GLY A 205 9.21 -1.46 -9.11
N LEU A 206 8.05 -1.29 -8.47
CA LEU A 206 7.38 0.01 -8.55
C LEU A 206 8.21 1.10 -7.89
N LEU A 207 8.79 0.79 -6.73
CA LEU A 207 9.63 1.77 -6.05
C LEU A 207 10.84 2.17 -6.88
N GLN A 208 11.48 1.20 -7.53
CA GLN A 208 12.67 1.53 -8.31
C GLN A 208 12.33 2.50 -9.43
N PHE A 209 11.20 2.28 -10.12
CA PHE A 209 10.80 3.22 -11.17
C PHE A 209 10.43 4.57 -10.58
N CYS A 210 9.73 4.56 -9.44
CA CYS A 210 9.40 5.79 -8.74
C CYS A 210 10.66 6.57 -8.37
N PHE A 211 11.62 5.89 -7.73
CA PHE A 211 12.88 6.53 -7.39
C PHE A 211 13.56 7.10 -8.63
N TYR A 212 13.58 6.33 -9.72
CA TYR A 212 14.20 6.80 -10.95
C TYR A 212 13.51 8.07 -11.46
N THR A 213 12.18 8.07 -11.50
N THR A 213 12.19 8.06 -11.51
CA THR A 213 11.48 9.25 -12.00
CA THR A 213 11.45 9.21 -11.98
C THR A 213 11.62 10.44 -11.05
C THR A 213 11.66 10.41 -11.06
N PHE A 214 11.76 10.18 -9.76
CA PHE A 214 11.98 11.29 -8.82
C PHE A 214 13.35 11.91 -9.00
N VAL A 215 14.39 11.08 -9.16
CA VAL A 215 15.76 11.58 -9.18
C VAL A 215 16.10 12.23 -10.51
N ASN A 216 15.74 11.57 -11.61
CA ASN A 216 16.17 12.00 -12.93
C ASN A 216 15.13 12.82 -13.66
N LYS A 217 13.95 12.98 -13.07
CA LYS A 217 12.77 13.60 -13.67
C LYS A 217 12.68 13.33 -15.17
N SER A 218 12.65 12.05 -15.53
CA SER A 218 12.43 11.70 -16.93
C SER A 218 11.04 12.15 -17.35
N LEU A 219 10.98 12.93 -18.43
CA LEU A 219 9.78 13.58 -18.95
C LEU A 219 9.26 14.67 -18.03
N SER A 220 10.05 15.10 -17.05
CA SER A 220 9.70 16.14 -16.08
C SER A 220 8.29 15.89 -15.51
N VAL A 221 8.18 14.87 -14.71
CA VAL A 221 6.92 14.58 -14.03
C VAL A 221 6.97 15.19 -12.64
N GLU A 222 5.84 15.72 -12.20
CA GLU A 222 5.76 16.44 -10.93
C GLU A 222 5.42 15.47 -9.81
N PHE A 223 5.98 15.77 -8.63
CA PHE A 223 5.59 15.08 -7.41
C PHE A 223 5.06 16.11 -6.42
N PRO A 224 4.00 15.77 -5.66
CA PRO A 224 3.57 16.65 -4.59
C PRO A 224 4.57 16.61 -3.44
N GLU A 225 4.51 17.65 -2.62
CA GLU A 225 5.45 17.80 -1.50
C GLU A 225 5.41 16.59 -0.57
N MET A 226 4.22 16.04 -0.33
CA MET A 226 4.12 14.89 0.58
C MET A 226 4.98 13.73 0.10
N LEU A 227 4.86 13.36 -1.18
CA LEU A 227 5.66 12.24 -1.68
C LEU A 227 7.14 12.62 -1.79
N ALA A 228 7.42 13.87 -2.18
CA ALA A 228 8.82 14.27 -2.34
C ALA A 228 9.55 14.20 -1.01
N GLU A 229 8.88 14.59 0.07
CA GLU A 229 9.50 14.50 1.40
C GLU A 229 9.75 13.05 1.80
N ILE A 230 8.76 12.18 1.60
CA ILE A 230 8.91 10.77 1.94
C ILE A 230 9.98 10.11 1.07
N ILE A 231 9.90 10.31 -0.25
CA ILE A 231 10.86 9.65 -1.14
C ILE A 231 12.28 10.09 -0.83
N SER A 232 12.47 11.38 -0.52
CA SER A 232 13.81 11.89 -0.21
C SER A 232 14.42 11.21 1.01
N ASN A 233 13.59 10.76 1.95
CA ASN A 233 14.07 10.03 3.11
C ASN A 233 14.20 8.54 2.86
N GLN A 234 13.25 7.99 2.09
CA GLN A 234 13.18 6.55 1.90
C GLN A 234 14.29 6.06 1.00
N LEU A 235 14.58 6.80 -0.05
CA LEU A 235 15.55 6.34 -1.06
C LEU A 235 16.93 6.08 -0.48
N PRO A 236 17.55 6.97 0.31
CA PRO A 236 18.88 6.64 0.86
C PRO A 236 18.88 5.41 1.73
N LYS A 237 17.83 5.19 2.54
CA LYS A 237 17.78 4.01 3.38
C LYS A 237 17.69 2.74 2.53
N PHE A 238 16.89 2.78 1.47
CA PHE A 238 16.76 1.62 0.59
C PHE A 238 18.05 1.40 -0.19
N LYS A 239 18.67 2.47 -0.65
CA LYS A 239 19.91 2.35 -1.42
C LYS A 239 21.05 1.78 -0.56
N ALA A 240 21.10 2.17 0.72
CA ALA A 240 22.17 1.70 1.59
C ALA A 240 21.99 0.26 2.02
N GLY A 241 20.90 -0.39 1.62
CA GLY A 241 20.63 -1.74 2.05
C GLY A 241 20.31 -1.86 3.53
N SER A 242 19.72 -0.82 4.13
CA SER A 242 19.47 -0.78 5.56
C SER A 242 18.06 -1.21 5.91
N VAL A 243 17.27 -1.65 4.93
N VAL A 243 17.27 -1.65 4.93
CA VAL A 243 15.87 -1.98 5.11
CA VAL A 243 15.87 -1.99 5.14
C VAL A 243 15.69 -3.47 4.85
C VAL A 243 15.68 -3.47 4.86
N LYS A 244 14.76 -4.09 5.59
CA LYS A 244 14.51 -5.51 5.39
C LYS A 244 13.01 -5.78 5.40
N PRO A 245 12.56 -6.72 4.58
CA PRO A 245 11.17 -7.17 4.68
C PRO A 245 11.02 -8.21 5.78
N LEU A 246 9.86 -8.17 6.44
CA LEU A 246 9.50 -9.20 7.40
C LEU A 246 8.65 -10.23 6.67
N LEU A 247 9.14 -11.46 6.58
CA LEU A 247 8.53 -12.49 5.75
C LEU A 247 7.86 -13.54 6.62
N PHE A 248 6.72 -14.05 6.15
CA PHE A 248 6.08 -15.18 6.81
C PHE A 248 6.72 -16.51 6.45
N HIS A 249 7.36 -16.60 5.29
CA HIS A 249 7.97 -17.83 4.83
C HIS A 249 9.42 -17.59 4.49
N GLN A 250 10.28 -18.55 4.82
CA GLN A 250 11.70 -18.42 4.56
C GLN A 250 11.95 -18.28 3.06
N LYS A 251 12.75 -17.27 2.70
CA LYS A 251 13.10 -17.04 1.31
C LYS A 251 14.47 -17.65 1.03
N ARG B 1 12.08 14.01 10.02
CA ARG B 1 12.58 14.81 8.91
C ARG B 1 11.46 15.27 7.96
N PRO B 2 10.60 14.34 7.44
CA PRO B 2 9.53 14.80 6.56
C PRO B 2 8.50 15.63 7.31
N ALA B 3 8.43 16.93 6.98
CA ALA B 3 7.68 17.89 7.77
C ALA B 3 6.17 17.61 7.77
N ILE B 4 5.58 17.36 6.60
CA ILE B 4 4.14 17.15 6.57
C ILE B 4 3.77 15.91 7.35
N LEU B 5 4.52 14.82 7.12
CA LEU B 5 4.28 13.57 7.84
C LEU B 5 4.40 13.75 9.34
N TYR B 6 5.44 14.45 9.79
CA TYR B 6 5.62 14.65 11.23
C TYR B 6 4.51 15.53 11.80
N ALA B 7 4.13 16.58 11.09
CA ALA B 7 3.04 17.43 11.55
C ALA B 7 1.74 16.63 11.70
N LEU B 8 1.46 15.74 10.74
CA LEU B 8 0.27 14.90 10.84
C LEU B 8 0.31 13.97 12.04
N LEU B 9 1.45 13.31 12.26
CA LEU B 9 1.56 12.32 13.33
C LEU B 9 1.64 12.98 14.71
N SER B 10 2.16 14.20 14.78
CA SER B 10 2.13 14.97 16.02
C SER B 10 0.73 15.42 16.40
N SER B 11 -0.26 15.12 15.56
CA SER B 11 -1.66 15.54 15.72
C SER B 11 -1.78 17.05 15.62
#